data_3DA2
#
_entry.id   3DA2
#
_cell.length_a   153.637
_cell.length_b   45.138
_cell.length_c   87.938
_cell.angle_alpha   90.00
_cell.angle_beta   116.28
_cell.angle_gamma   90.00
#
_symmetry.space_group_name_H-M   'C 1 2 1'
#
loop_
_entity.id
_entity.type
_entity.pdbx_description
1 polymer 'Carbonic anhydrase 13'
2 non-polymer 'ZINC ION'
3 non-polymer N-(4-chlorobenzyl)-N-methylbenzene-1,4-disulfonamide
4 non-polymer 'CHLORIDE ION'
5 water water
#
_entity_poly.entity_id   1
_entity_poly.type   'polypeptide(L)'
_entity_poly.pdbx_seq_one_letter_code
;SMSRLSWGYREHNGPIHWKEFFPIADGDQQSPIEIKTKEVKYDSSLRPLSIKYDPSSAKIISNSGHSFNVDFDDTENKSV
LRGGPLTGSYRLRQVHLHWGSADDHGSEHIVDGVSYAAELHVVHWNSDKYPSFVEAAHEPDGLAVLGVFLQIGEPNSQLQ
KITDTLDSIKEKGKQTRFTNFDLLSLLPPSWDYWTYPGSLTVPPLLESVTWIVLKQPINISSQQLAKFRSLLCTAEGEAA
AFLVSNHRPPQPLKGRKVRASF
;
_entity_poly.pdbx_strand_id   A,B
#
loop_
_chem_comp.id
_chem_comp.type
_chem_comp.name
_chem_comp.formula
4MD non-polymer N-(4-chlorobenzyl)-N-methylbenzene-1,4-disulfonamide 'C14 H15 Cl N2 O4 S2'
CL non-polymer 'CHLORIDE ION' 'Cl -1'
ZN non-polymer 'ZINC ION' 'Zn 2'
#
# COMPACT_ATOMS: atom_id res chain seq x y z
N SER A 1 -14.71 7.57 -31.52
CA SER A 1 -14.09 6.28 -31.97
C SER A 1 -13.06 5.78 -30.95
N MET A 2 -13.50 5.71 -29.69
CA MET A 2 -12.82 4.95 -28.65
C MET A 2 -13.29 3.49 -28.80
N SER A 3 -12.36 2.54 -28.70
CA SER A 3 -12.72 1.11 -28.73
C SER A 3 -11.67 0.30 -27.98
N ARG A 4 -11.75 -1.02 -28.10
CA ARG A 4 -10.84 -1.93 -27.39
C ARG A 4 -9.48 -2.09 -28.09
N LEU A 5 -9.34 -1.44 -29.26
CA LEU A 5 -8.06 -1.28 -29.95
C LEU A 5 -7.69 0.22 -30.15
N SER A 6 -8.70 1.10 -30.23
CA SER A 6 -8.48 2.49 -30.64
C SER A 6 -8.51 3.51 -29.48
N TRP A 7 -7.87 3.17 -28.36
CA TRP A 7 -7.71 4.10 -27.24
C TRP A 7 -6.53 5.07 -27.47
N GLY A 8 -6.49 6.16 -26.73
CA GLY A 8 -5.51 7.20 -26.95
C GLY A 8 -5.57 8.26 -25.85
N TYR A 9 -5.15 9.47 -26.20
CA TYR A 9 -5.13 10.57 -25.26
C TYR A 9 -5.82 11.79 -25.84
N ARG A 10 -6.55 11.59 -26.94
CA ARG A 10 -7.33 12.66 -27.54
C ARG A 10 -8.69 12.73 -26.88
N GLU A 11 -9.49 13.72 -27.26
CA GLU A 11 -10.73 14.01 -26.57
C GLU A 11 -11.69 12.82 -26.58
N HIS A 12 -11.81 12.17 -27.73
CA HIS A 12 -12.79 11.12 -27.95
C HIS A 12 -12.36 9.74 -27.40
N ASN A 13 -11.07 9.55 -27.23
CA ASN A 13 -10.54 8.25 -26.81
C ASN A 13 -9.57 8.30 -25.61
N GLY A 14 -9.51 9.43 -24.93
CA GLY A 14 -8.56 9.60 -23.83
C GLY A 14 -8.98 8.91 -22.53
N PRO A 15 -8.20 9.14 -21.46
CA PRO A 15 -8.35 8.45 -20.21
C PRO A 15 -9.75 8.35 -19.59
N ILE A 16 -10.53 9.42 -19.72
CA ILE A 16 -11.92 9.55 -19.21
C ILE A 16 -12.79 8.47 -19.84
N HIS A 17 -12.42 8.06 -21.05
CA HIS A 17 -13.22 7.11 -21.83
C HIS A 17 -12.74 5.67 -21.73
N TRP A 18 -11.55 5.44 -21.16
CA TRP A 18 -10.98 4.07 -21.19
C TRP A 18 -11.87 3.05 -20.49
N LYS A 19 -12.54 3.49 -19.42
CA LYS A 19 -13.46 2.64 -18.68
C LYS A 19 -14.54 2.01 -19.54
N GLU A 20 -14.91 2.67 -20.63
CA GLU A 20 -15.94 2.15 -21.54
C GLU A 20 -15.56 0.77 -22.12
N PHE A 21 -14.28 0.53 -22.37
CA PHE A 21 -13.83 -0.76 -22.89
C PHE A 21 -12.95 -1.53 -21.95
N PHE A 22 -12.39 -0.85 -20.94
CA PHE A 22 -11.60 -1.50 -19.90
C PHE A 22 -12.17 -1.10 -18.53
N PRO A 23 -13.24 -1.81 -18.09
CA PRO A 23 -13.92 -1.48 -16.84
C PRO A 23 -13.00 -1.47 -15.61
N ILE A 24 -11.89 -2.21 -15.66
CA ILE A 24 -10.94 -2.17 -14.56
C ILE A 24 -10.30 -0.77 -14.34
N ALA A 25 -10.51 0.15 -15.28
CA ALA A 25 -10.10 1.53 -15.09
C ALA A 25 -10.60 2.09 -13.79
N ASP A 26 -11.75 1.59 -13.30
CA ASP A 26 -12.34 2.05 -12.06
C ASP A 26 -12.08 1.08 -10.87
N GLY A 27 -11.08 0.24 -11.03
CA GLY A 27 -10.67 -0.74 -10.03
C GLY A 27 -10.01 -0.13 -8.82
N ASP A 28 -9.63 -1.00 -7.90
CA ASP A 28 -9.15 -0.58 -6.59
C ASP A 28 -7.65 -0.47 -6.52
N GLN A 29 -6.95 -0.88 -7.56
CA GLN A 29 -5.49 -0.75 -7.63
C GLN A 29 -4.99 -0.17 -8.91
N GLN A 30 -5.54 0.98 -9.26
CA GLN A 30 -5.21 1.63 -10.50
C GLN A 30 -4.06 2.61 -10.34
N SER A 31 -3.33 2.82 -11.42
CA SER A 31 -2.15 3.66 -11.45
C SER A 31 -2.31 4.67 -12.57
N PRO A 32 -1.66 5.83 -12.42
CA PRO A 32 -0.79 6.28 -11.32
C PRO A 32 -1.57 7.02 -10.27
N ILE A 33 -0.89 7.69 -9.34
CA ILE A 33 -1.39 7.92 -7.97
C ILE A 33 -0.63 9.21 -7.64
N GLU A 34 -1.21 10.02 -6.76
CA GLU A 34 -0.46 11.03 -6.10
C GLU A 34 0.17 10.46 -4.84
N ILE A 35 1.48 10.63 -4.72
CA ILE A 35 2.23 10.27 -3.53
C ILE A 35 2.27 11.49 -2.59
N LYS A 36 1.51 11.42 -1.50
CA LYS A 36 1.54 12.38 -0.41
C LYS A 36 2.59 11.94 0.57
N THR A 37 3.68 12.70 0.67
CA THR A 37 4.89 12.21 1.37
C THR A 37 4.67 12.08 2.89
N LYS A 38 3.92 13.01 3.46
CA LYS A 38 3.50 12.94 4.85
C LYS A 38 2.75 11.64 5.21
N GLU A 39 2.14 10.97 4.23
CA GLU A 39 1.39 9.73 4.48
C GLU A 39 2.16 8.47 4.13
N VAL A 40 3.39 8.61 3.65
CA VAL A 40 4.20 7.48 3.28
C VAL A 40 4.65 6.69 4.53
N LYS A 41 4.64 5.38 4.36
CA LYS A 41 5.02 4.43 5.39
C LYS A 41 6.49 4.12 5.16
N TYR A 42 7.34 4.62 6.06
CA TYR A 42 8.77 4.43 5.94
C TYR A 42 9.12 3.07 6.51
N ASP A 43 9.45 2.14 5.64
CA ASP A 43 9.51 0.73 5.96
C ASP A 43 10.97 0.27 5.98
N SER A 44 11.43 -0.16 7.15
CA SER A 44 12.81 -0.59 7.33
C SER A 44 13.11 -1.98 6.75
N SER A 45 12.09 -2.69 6.31
CA SER A 45 12.26 -4.04 5.76
C SER A 45 12.40 -4.03 4.23
N LEU A 46 12.26 -2.87 3.61
CA LEU A 46 12.52 -2.74 2.17
C LEU A 46 14.03 -2.81 1.91
N ARG A 47 14.43 -3.58 0.90
CA ARG A 47 15.85 -3.77 0.60
C ARG A 47 16.32 -2.73 -0.43
N PRO A 48 17.66 -2.60 -0.61
CA PRO A 48 18.11 -1.77 -1.73
C PRO A 48 17.69 -2.36 -3.08
N LEU A 49 17.55 -1.50 -4.07
CA LEU A 49 17.32 -1.96 -5.42
C LEU A 49 18.63 -2.57 -5.90
N SER A 50 18.53 -3.70 -6.59
CA SER A 50 19.62 -4.28 -7.33
C SER A 50 19.28 -4.27 -8.82
N ILE A 51 20.07 -3.52 -9.61
CA ILE A 51 19.80 -3.31 -11.03
C ILE A 51 21.01 -3.69 -11.87
N LYS A 52 20.76 -4.53 -12.88
CA LYS A 52 21.80 -4.94 -13.81
C LYS A 52 21.20 -4.82 -15.20
N TYR A 53 21.68 -3.86 -16.01
CA TYR A 53 21.26 -3.73 -17.42
C TYR A 53 22.41 -3.85 -18.43
N ASP A 54 22.35 -4.90 -19.26
CA ASP A 54 23.33 -5.14 -20.29
C ASP A 54 23.00 -4.24 -21.47
N PRO A 55 23.91 -3.30 -21.84
CA PRO A 55 23.63 -2.43 -23.01
C PRO A 55 23.28 -3.16 -24.31
N SER A 56 23.69 -4.42 -24.42
CA SER A 56 23.38 -5.22 -25.62
C SER A 56 21.96 -5.84 -25.62
N SER A 57 21.19 -5.68 -24.53
CA SER A 57 19.82 -6.20 -24.46
C SER A 57 18.81 -5.51 -25.41
N ALA A 58 18.97 -4.20 -25.61
CA ALA A 58 18.07 -3.43 -26.45
C ALA A 58 18.15 -3.93 -27.87
N LYS A 59 17.01 -4.03 -28.53
CA LYS A 59 16.98 -4.50 -29.92
C LYS A 59 16.36 -3.45 -30.87
N ILE A 60 15.24 -2.85 -30.52
CA ILE A 60 14.56 -1.93 -31.43
C ILE A 60 13.86 -0.80 -30.71
N ILE A 61 13.63 0.28 -31.43
CA ILE A 61 12.85 1.39 -30.90
C ILE A 61 11.70 1.58 -31.88
N SER A 62 10.52 1.85 -31.34
CA SER A 62 9.24 1.80 -32.09
C SER A 62 8.35 2.95 -31.68
N ASN A 63 7.56 3.47 -32.62
CA ASN A 63 6.43 4.33 -32.28
C ASN A 63 5.16 3.50 -32.25
N SER A 64 4.60 3.31 -31.06
CA SER A 64 3.34 2.57 -30.89
C SER A 64 2.09 3.39 -31.25
N GLY A 65 2.24 4.70 -31.40
CA GLY A 65 1.09 5.59 -31.47
C GLY A 65 0.72 6.18 -30.11
N HIS A 66 1.16 5.53 -29.03
CA HIS A 66 0.91 5.95 -27.64
C HIS A 66 2.16 6.41 -26.88
N SER A 67 3.33 5.95 -27.33
CA SER A 67 4.66 6.43 -26.86
C SER A 67 5.76 5.88 -27.76
N PHE A 68 7.02 6.08 -27.38
CA PHE A 68 8.09 5.32 -28.01
C PHE A 68 8.32 4.10 -27.13
N ASN A 69 8.61 2.96 -27.75
CA ASN A 69 9.01 1.78 -26.98
C ASN A 69 10.41 1.39 -27.35
N VAL A 70 11.29 1.30 -26.36
CA VAL A 70 12.53 0.56 -26.55
C VAL A 70 12.25 -0.88 -26.08
N ASP A 71 12.47 -1.85 -26.95
CA ASP A 71 12.21 -3.23 -26.63
C ASP A 71 13.56 -3.93 -26.47
N PHE A 72 13.61 -4.85 -25.49
CA PHE A 72 14.82 -5.55 -25.10
C PHE A 72 14.63 -7.04 -25.25
N ASP A 73 15.70 -7.75 -25.59
CA ASP A 73 15.62 -9.20 -25.62
C ASP A 73 15.46 -9.68 -24.18
N ASP A 74 14.33 -10.33 -23.90
CA ASP A 74 14.02 -10.85 -22.57
C ASP A 74 13.96 -12.41 -22.59
N THR A 75 14.89 -13.02 -23.29
CA THR A 75 14.99 -14.49 -23.34
C THR A 75 16.10 -14.95 -22.40
N GLU A 76 16.90 -14.00 -21.90
CA GLU A 76 18.00 -14.34 -20.97
C GLU A 76 17.95 -13.45 -19.76
N ASN A 77 18.75 -13.75 -18.74
CA ASN A 77 18.78 -12.92 -17.51
C ASN A 77 19.97 -11.91 -17.48
N LYS A 78 20.27 -11.30 -18.64
CA LYS A 78 21.31 -10.26 -18.72
C LYS A 78 20.90 -8.93 -18.10
N SER A 79 19.63 -8.58 -18.23
CA SER A 79 19.11 -7.32 -17.73
C SER A 79 17.97 -7.58 -16.76
N VAL A 80 18.22 -7.38 -15.47
CA VAL A 80 17.24 -7.74 -14.44
C VAL A 80 17.18 -6.79 -13.26
N LEU A 81 16.00 -6.75 -12.66
CA LEU A 81 15.75 -5.96 -11.47
C LEU A 81 15.47 -6.93 -10.32
N ARG A 82 16.17 -6.72 -9.22
CA ARG A 82 15.95 -7.51 -8.03
C ARG A 82 15.95 -6.59 -6.82
N GLY A 83 15.54 -7.14 -5.68
CA GLY A 83 15.60 -6.41 -4.41
C GLY A 83 14.43 -5.46 -4.32
N GLY A 84 14.60 -4.38 -3.56
CA GLY A 84 13.51 -3.51 -3.26
C GLY A 84 12.41 -4.27 -2.54
N PRO A 85 11.16 -4.09 -3.01
CA PRO A 85 10.04 -4.81 -2.41
C PRO A 85 9.84 -6.19 -3.05
N LEU A 86 10.69 -6.55 -4.02
CA LEU A 86 10.43 -7.70 -4.89
C LEU A 86 10.94 -9.04 -4.35
N THR A 87 10.25 -10.11 -4.69
CA THR A 87 10.72 -11.45 -4.40
C THR A 87 11.16 -12.01 -5.74
N GLY A 88 12.40 -12.45 -5.80
CA GLY A 88 12.94 -13.07 -6.99
C GLY A 88 13.35 -12.05 -8.02
N SER A 89 13.44 -12.52 -9.26
CA SER A 89 14.11 -11.79 -10.33
C SER A 89 13.19 -11.37 -11.48
N TYR A 90 13.21 -10.07 -11.78
CA TYR A 90 12.33 -9.47 -12.77
C TYR A 90 13.11 -9.05 -13.98
N ARG A 91 12.74 -9.60 -15.13
CA ARG A 91 13.51 -9.44 -16.38
C ARG A 91 13.08 -8.21 -17.18
N LEU A 92 14.05 -7.46 -17.68
CA LEU A 92 13.79 -6.24 -18.43
C LEU A 92 13.14 -6.54 -19.75
N ARG A 93 12.10 -5.78 -20.09
CA ARG A 93 11.33 -6.03 -21.31
C ARG A 93 11.21 -4.79 -22.18
N GLN A 94 10.85 -3.67 -21.58
CA GLN A 94 10.43 -2.47 -22.36
C GLN A 94 10.64 -1.17 -21.59
N VAL A 95 10.95 -0.12 -22.32
CA VAL A 95 11.04 1.24 -21.79
C VAL A 95 10.06 2.15 -22.56
N HIS A 96 9.32 2.95 -21.78
N HIS A 96 9.32 2.99 -21.86
CA HIS A 96 8.35 3.95 -22.28
CA HIS A 96 8.59 4.06 -22.54
C HIS A 96 8.66 5.35 -21.71
C HIS A 96 8.58 5.33 -21.70
N LEU A 97 8.07 6.39 -22.31
CA LEU A 97 8.11 7.74 -21.74
C LEU A 97 6.71 8.32 -21.80
N HIS A 98 6.38 9.08 -20.78
CA HIS A 98 5.14 9.84 -20.72
C HIS A 98 5.48 11.30 -20.52
N TRP A 99 4.70 12.17 -21.16
CA TRP A 99 4.91 13.61 -21.11
C TRP A 99 3.57 14.31 -21.24
N GLY A 100 3.57 15.62 -21.05
CA GLY A 100 2.38 16.43 -21.17
C GLY A 100 2.57 17.44 -22.27
N SER A 101 1.54 18.28 -22.46
CA SER A 101 1.51 19.33 -23.49
C SER A 101 2.52 20.49 -23.32
N ALA A 102 2.95 20.74 -22.09
CA ALA A 102 3.95 21.76 -21.80
C ALA A 102 4.87 21.28 -20.67
N ASP A 103 6.01 21.92 -20.53
CA ASP A 103 7.04 21.44 -19.59
C ASP A 103 6.67 21.50 -18.09
N ASP A 104 5.64 22.24 -17.72
CA ASP A 104 5.21 22.36 -16.31
C ASP A 104 4.43 21.15 -15.73
N HIS A 105 4.08 20.20 -16.60
CA HIS A 105 3.43 18.95 -16.18
C HIS A 105 3.65 17.91 -17.24
N GLY A 106 3.22 16.68 -16.97
CA GLY A 106 3.39 15.60 -17.92
C GLY A 106 3.69 14.28 -17.28
N SER A 107 4.23 14.28 -16.08
CA SER A 107 4.42 13.03 -15.36
C SER A 107 3.07 12.37 -15.05
N GLU A 108 3.10 11.04 -14.90
CA GLU A 108 1.93 10.26 -14.46
C GLU A 108 1.77 10.33 -12.94
N HIS A 109 2.77 9.88 -12.18
CA HIS A 109 2.77 10.12 -10.75
C HIS A 109 2.99 11.62 -10.43
N ILE A 110 2.37 12.04 -9.33
CA ILE A 110 2.40 13.41 -8.85
C ILE A 110 2.93 13.27 -7.41
N VAL A 111 3.82 14.17 -6.97
CA VAL A 111 4.34 14.08 -5.61
C VAL A 111 4.01 15.36 -4.90
N ASP A 112 3.22 15.27 -3.84
CA ASP A 112 2.75 16.44 -3.10
C ASP A 112 2.26 17.58 -4.03
N GLY A 113 1.33 17.25 -4.91
CA GLY A 113 0.73 18.22 -5.79
C GLY A 113 1.62 18.69 -6.94
N VAL A 114 2.85 18.19 -6.98
CA VAL A 114 3.82 18.65 -7.98
C VAL A 114 3.95 17.62 -9.13
N SER A 115 3.89 18.12 -10.35
CA SER A 115 3.98 17.30 -11.54
C SER A 115 5.31 17.59 -12.22
N TYR A 116 6.02 16.53 -12.62
CA TYR A 116 7.28 16.73 -13.36
C TYR A 116 6.97 16.81 -14.84
N ALA A 117 7.96 17.21 -15.64
CA ALA A 117 7.78 17.39 -17.09
C ALA A 117 7.55 16.04 -17.84
N ALA A 118 8.16 14.97 -17.35
CA ALA A 118 7.91 13.66 -17.92
C ALA A 118 8.27 12.56 -16.96
N GLU A 119 8.03 11.31 -17.39
CA GLU A 119 8.28 10.14 -16.55
C GLU A 119 8.62 8.95 -17.41
N LEU A 120 9.77 8.36 -17.10
CA LEU A 120 10.25 7.20 -17.81
C LEU A 120 9.82 5.93 -17.05
N HIS A 121 9.24 4.97 -17.77
CA HIS A 121 8.87 3.69 -17.21
C HIS A 121 9.73 2.56 -17.76
N VAL A 122 10.33 1.81 -16.84
CA VAL A 122 11.13 0.63 -17.15
C VAL A 122 10.34 -0.63 -16.72
N VAL A 123 9.84 -1.38 -17.71
CA VAL A 123 8.92 -2.50 -17.47
C VAL A 123 9.63 -3.87 -17.44
N HIS A 124 9.40 -4.64 -16.37
CA HIS A 124 10.06 -5.92 -16.11
C HIS A 124 9.01 -6.96 -15.72
N TRP A 125 9.32 -8.24 -15.93
CA TRP A 125 8.39 -9.30 -15.57
C TRP A 125 9.06 -10.40 -14.79
N ASN A 126 8.28 -11.03 -13.91
CA ASN A 126 8.76 -12.02 -12.99
C ASN A 126 8.99 -13.38 -13.69
N SER A 127 10.22 -13.56 -14.17
CA SER A 127 10.63 -14.78 -14.89
C SER A 127 10.99 -15.99 -14.00
N ASP A 128 11.11 -15.76 -12.68
CA ASP A 128 11.28 -16.85 -11.71
C ASP A 128 9.96 -17.60 -11.44
N LYS A 129 8.81 -16.99 -11.71
CA LYS A 129 7.52 -17.66 -11.45
C LYS A 129 6.71 -17.91 -12.69
N TYR A 130 6.88 -17.08 -13.72
CA TYR A 130 5.97 -17.08 -14.87
C TYR A 130 6.74 -17.35 -16.17
N PRO A 131 6.08 -18.03 -17.11
CA PRO A 131 6.74 -18.46 -18.32
C PRO A 131 7.01 -17.36 -19.33
N SER A 132 6.38 -16.19 -19.16
CA SER A 132 6.40 -15.16 -20.18
C SER A 132 5.83 -13.88 -19.65
N PHE A 133 6.18 -12.77 -20.32
CA PHE A 133 5.57 -11.47 -20.06
C PHE A 133 4.03 -11.51 -20.08
N VAL A 134 3.48 -12.10 -21.14
CA VAL A 134 2.03 -12.23 -21.30
C VAL A 134 1.38 -12.88 -20.07
N GLU A 135 1.94 -14.00 -19.59
CA GLU A 135 1.37 -14.68 -18.41
C GLU A 135 1.53 -13.84 -17.15
N ALA A 136 2.69 -13.21 -17.01
CA ALA A 136 3.04 -12.39 -15.83
C ALA A 136 2.10 -11.17 -15.74
N ALA A 137 1.75 -10.60 -16.88
CA ALA A 137 0.94 -9.38 -16.92
C ALA A 137 -0.46 -9.48 -16.25
N HIS A 138 -0.94 -10.70 -16.04
CA HIS A 138 -2.23 -10.95 -15.42
C HIS A 138 -2.11 -11.52 -14.00
N GLU A 139 -0.92 -11.43 -13.40
CA GLU A 139 -0.70 -11.87 -12.01
C GLU A 139 -0.34 -10.68 -11.13
N PRO A 140 -0.85 -10.64 -9.88
CA PRO A 140 -0.62 -9.50 -8.98
C PRO A 140 0.85 -9.18 -8.76
N ASP A 141 1.67 -10.23 -8.73
CA ASP A 141 3.11 -10.10 -8.56
C ASP A 141 3.88 -10.29 -9.86
N GLY A 142 3.22 -10.15 -11.01
CA GLY A 142 3.88 -10.47 -12.30
C GLY A 142 4.83 -9.41 -12.85
N LEU A 143 4.48 -8.14 -12.67
CA LEU A 143 5.26 -7.05 -13.25
C LEU A 143 5.83 -6.12 -12.20
N ALA A 144 6.96 -5.52 -12.54
CA ALA A 144 7.57 -4.48 -11.76
C ALA A 144 7.93 -3.35 -12.71
N VAL A 145 7.46 -2.14 -12.43
CA VAL A 145 7.78 -1.00 -13.28
C VAL A 145 8.56 0.00 -12.48
N LEU A 146 9.74 0.35 -12.97
CA LEU A 146 10.58 1.39 -12.38
C LEU A 146 10.18 2.72 -13.04
N GLY A 147 9.83 3.69 -12.20
CA GLY A 147 9.48 5.02 -12.69
C GLY A 147 10.55 6.05 -12.30
N VAL A 148 10.92 6.88 -13.28
CA VAL A 148 11.94 7.89 -13.11
C VAL A 148 11.33 9.21 -13.62
N PHE A 149 11.27 10.21 -12.77
CA PHE A 149 10.81 11.53 -13.18
C PHE A 149 11.88 12.26 -13.99
N LEU A 150 11.42 13.02 -14.99
CA LEU A 150 12.28 13.92 -15.76
C LEU A 150 11.92 15.38 -15.43
N GLN A 151 12.90 16.17 -15.03
CA GLN A 151 12.63 17.59 -14.81
C GLN A 151 13.36 18.44 -15.83
N ILE A 152 12.82 19.61 -16.14
CA ILE A 152 13.52 20.52 -17.06
C ILE A 152 14.81 20.99 -16.40
N GLY A 153 15.90 20.89 -17.14
CA GLY A 153 17.21 21.31 -16.66
C GLY A 153 18.19 21.27 -17.81
N GLU A 154 19.46 21.08 -17.49
CA GLU A 154 20.50 20.98 -18.49
C GLU A 154 20.24 19.80 -19.41
N PRO A 155 20.48 19.96 -20.73
CA PRO A 155 20.33 18.85 -21.65
C PRO A 155 20.99 17.59 -21.11
N ASN A 156 20.30 16.47 -21.22
CA ASN A 156 20.81 15.19 -20.79
C ASN A 156 21.27 14.47 -22.04
N SER A 157 22.58 14.23 -22.13
CA SER A 157 23.16 13.55 -23.29
C SER A 157 22.82 12.06 -23.29
N GLN A 158 22.36 11.55 -22.15
CA GLN A 158 21.85 10.15 -22.02
C GLN A 158 20.54 9.93 -22.75
N LEU A 159 19.77 11.01 -22.90
CA LEU A 159 18.55 11.00 -23.68
C LEU A 159 18.82 11.12 -25.18
N GLN A 160 20.04 11.52 -25.53
CA GLN A 160 20.40 11.84 -26.91
C GLN A 160 20.27 10.64 -27.87
N LYS A 161 20.81 9.49 -27.47
CA LYS A 161 20.65 8.26 -28.25
C LYS A 161 19.20 7.97 -28.60
N ILE A 162 18.27 8.29 -27.71
CA ILE A 162 16.84 8.06 -28.00
C ILE A 162 16.32 9.17 -28.91
N THR A 163 16.55 10.42 -28.54
CA THR A 163 16.05 11.59 -29.31
C THR A 163 16.64 11.65 -30.74
N ASP A 164 17.89 11.25 -30.91
CA ASP A 164 18.48 11.14 -32.24
C ASP A 164 17.68 10.23 -33.18
N THR A 165 16.95 9.26 -32.63
CA THR A 165 16.17 8.33 -33.45
C THR A 165 14.76 8.79 -33.87
N LEU A 166 14.22 9.84 -33.25
CA LEU A 166 12.77 10.13 -33.36
C LEU A 166 12.22 10.47 -34.76
N ASP A 167 13.04 11.03 -35.65
CA ASP A 167 12.67 11.19 -37.08
C ASP A 167 12.47 9.86 -37.82
N SER A 168 13.30 8.86 -37.49
CA SER A 168 13.16 7.50 -38.02
C SER A 168 11.80 6.87 -37.75
N ILE A 169 11.17 7.28 -36.66
CA ILE A 169 9.96 6.60 -36.20
C ILE A 169 8.78 7.54 -35.99
N LYS A 170 8.71 8.61 -36.78
CA LYS A 170 7.69 9.66 -36.62
C LYS A 170 6.27 9.10 -36.70
N GLU A 171 6.04 8.26 -37.70
CA GLU A 171 4.72 7.69 -37.96
C GLU A 171 4.44 6.53 -37.03
N LYS A 172 3.18 6.42 -36.60
CA LYS A 172 2.71 5.32 -35.79
C LYS A 172 3.09 4.00 -36.45
N GLY A 173 3.67 3.09 -35.67
CA GLY A 173 4.07 1.78 -36.19
C GLY A 173 5.44 1.67 -36.89
N LYS A 174 6.19 2.77 -36.94
CA LYS A 174 7.57 2.71 -37.43
C LYS A 174 8.47 2.16 -36.33
N GLN A 175 9.46 1.35 -36.72
CA GLN A 175 10.49 0.86 -35.82
C GLN A 175 11.87 0.97 -36.46
N THR A 176 12.89 1.06 -35.59
CA THR A 176 14.28 1.03 -36.05
C THR A 176 15.13 0.21 -35.11
N ARG A 177 16.12 -0.46 -35.67
CA ARG A 177 17.16 -1.11 -34.89
C ARG A 177 17.69 -0.11 -33.89
N PHE A 178 17.92 -0.58 -32.66
CA PHE A 178 18.34 0.26 -31.56
C PHE A 178 19.05 -0.65 -30.56
N THR A 179 20.37 -0.58 -30.52
CA THR A 179 21.19 -1.48 -29.68
C THR A 179 22.30 -0.70 -28.97
N ASN A 180 23.04 -1.40 -28.11
CA ASN A 180 24.11 -0.81 -27.31
C ASN A 180 23.61 0.39 -26.50
N PHE A 181 22.40 0.25 -25.95
CA PHE A 181 21.77 1.29 -25.18
C PHE A 181 22.10 1.11 -23.69
N ASP A 182 22.80 2.10 -23.13
CA ASP A 182 23.17 2.08 -21.72
C ASP A 182 22.09 2.67 -20.83
N LEU A 183 21.07 1.86 -20.58
CA LEU A 183 19.93 2.24 -19.77
C LEU A 183 20.35 2.58 -18.35
N LEU A 184 21.28 1.80 -17.79
CA LEU A 184 21.63 1.98 -16.38
C LEU A 184 22.24 3.36 -16.12
N SER A 185 22.93 3.89 -17.13
CA SER A 185 23.53 5.23 -17.04
C SER A 185 22.49 6.34 -17.13
N LEU A 186 21.30 6.01 -17.63
CA LEU A 186 20.20 6.99 -17.69
C LEU A 186 19.55 7.23 -16.30
N LEU A 187 19.68 6.28 -15.37
CA LEU A 187 19.07 6.40 -14.03
C LEU A 187 19.76 7.47 -13.21
N PRO A 188 19.05 8.05 -12.21
CA PRO A 188 19.72 9.04 -11.37
C PRO A 188 20.74 8.39 -10.44
N PRO A 189 21.60 9.20 -9.83
CA PRO A 189 22.63 8.65 -8.96
C PRO A 189 22.12 7.86 -7.75
N SER A 190 21.01 8.31 -7.17
CA SER A 190 20.40 7.67 -6.00
C SER A 190 19.21 6.84 -6.45
N TRP A 191 19.08 5.62 -5.92
CA TRP A 191 17.97 4.70 -6.20
C TRP A 191 16.97 4.58 -5.03
N ASP A 192 16.95 5.57 -4.13
CA ASP A 192 15.89 5.71 -3.13
C ASP A 192 14.55 5.79 -3.85
N TYR A 193 13.53 5.21 -3.26
CA TYR A 193 12.29 5.01 -4.03
C TYR A 193 11.06 4.96 -3.12
N TRP A 194 9.89 5.17 -3.74
CA TRP A 194 8.60 4.78 -3.16
C TRP A 194 8.11 3.52 -3.86
N THR A 195 7.29 2.74 -3.15
CA THR A 195 6.64 1.59 -3.77
C THR A 195 5.18 1.42 -3.32
N TYR A 196 4.35 0.96 -4.26
CA TYR A 196 2.95 0.62 -4.01
C TYR A 196 2.45 -0.37 -5.07
N PRO A 197 1.42 -1.15 -4.70
CA PRO A 197 0.76 -2.03 -5.64
C PRO A 197 -0.17 -1.28 -6.58
N GLY A 198 -0.01 -1.52 -7.87
CA GLY A 198 -0.84 -0.88 -8.83
C GLY A 198 -1.04 -1.62 -10.13
N SER A 199 -1.15 -0.82 -11.18
CA SER A 199 -1.56 -1.28 -12.47
C SER A 199 -0.70 -0.67 -13.59
N LEU A 200 -0.91 -1.20 -14.78
CA LEU A 200 -0.49 -0.51 -15.99
C LEU A 200 -1.25 0.81 -16.07
N THR A 201 -0.58 1.81 -16.62
CA THR A 201 -1.13 3.15 -16.78
C THR A 201 -1.78 3.39 -18.14
N VAL A 202 -1.77 2.35 -18.95
CA VAL A 202 -2.34 2.35 -20.28
C VAL A 202 -3.23 1.10 -20.37
N PRO A 203 -4.28 1.14 -21.21
CA PRO A 203 -5.03 -0.09 -21.52
C PRO A 203 -4.06 -1.21 -21.83
N PRO A 204 -4.32 -2.41 -21.31
CA PRO A 204 -5.51 -2.81 -20.58
C PRO A 204 -5.52 -2.80 -19.04
N LEU A 205 -4.56 -2.18 -18.33
CA LEU A 205 -4.77 -1.33 -17.17
C LEU A 205 -4.74 -2.47 -16.08
N LEU A 206 -4.02 -3.56 -16.40
CA LEU A 206 -3.97 -4.73 -15.53
C LEU A 206 -3.32 -4.39 -14.19
N GLU A 207 -3.94 -4.92 -13.13
CA GLU A 207 -3.52 -4.71 -11.74
C GLU A 207 -2.47 -5.73 -11.37
N SER A 208 -1.31 -5.61 -12.01
CA SER A 208 -0.27 -6.61 -11.92
C SER A 208 1.10 -5.99 -11.61
N VAL A 209 1.13 -4.70 -11.29
CA VAL A 209 2.37 -3.97 -11.21
C VAL A 209 2.77 -3.66 -9.77
N THR A 210 3.98 -4.08 -9.42
CA THR A 210 4.67 -3.46 -8.28
C THR A 210 5.41 -2.20 -8.76
N TRP A 211 4.89 -1.01 -8.43
CA TRP A 211 5.46 0.28 -8.80
C TRP A 211 6.65 0.63 -7.90
N ILE A 212 7.76 1.03 -8.50
CA ILE A 212 8.93 1.50 -7.78
C ILE A 212 9.32 2.84 -8.41
N VAL A 213 9.00 3.92 -7.71
CA VAL A 213 9.13 5.27 -8.25
C VAL A 213 10.31 5.88 -7.56
N LEU A 214 11.30 6.30 -8.37
CA LEU A 214 12.54 6.81 -7.85
C LEU A 214 12.29 8.22 -7.35
N LYS A 215 12.83 8.53 -6.19
CA LYS A 215 12.64 9.87 -5.62
C LYS A 215 13.38 10.94 -6.46
N GLN A 216 14.60 10.64 -6.89
CA GLN A 216 15.43 11.64 -7.56
C GLN A 216 15.12 11.73 -9.06
N PRO A 217 14.77 12.93 -9.57
CA PRO A 217 14.57 13.13 -11.00
C PRO A 217 15.89 13.19 -11.79
N ILE A 218 15.78 12.99 -13.09
CA ILE A 218 16.86 13.24 -14.02
C ILE A 218 16.43 14.40 -14.90
N ASN A 219 17.39 14.96 -15.62
CA ASN A 219 17.15 16.10 -16.48
C ASN A 219 16.74 15.82 -17.92
N ILE A 220 15.98 16.78 -18.45
CA ILE A 220 15.66 16.87 -19.87
C ILE A 220 15.55 18.37 -20.19
N SER A 221 16.07 18.77 -21.34
CA SER A 221 15.95 20.16 -21.79
C SER A 221 14.59 20.27 -22.45
N SER A 222 14.07 21.50 -22.51
CA SER A 222 12.79 21.75 -23.15
C SER A 222 12.80 21.34 -24.63
N GLN A 223 13.93 21.57 -25.30
CA GLN A 223 14.05 21.28 -26.74
C GLN A 223 14.20 19.80 -27.06
N GLN A 224 14.85 19.06 -26.15
CA GLN A 224 14.74 17.55 -26.14
C GLN A 224 13.30 17.05 -25.94
N LEU A 225 12.64 17.56 -24.90
CA LEU A 225 11.27 17.14 -24.57
C LEU A 225 10.27 17.40 -25.72
N ALA A 226 10.44 18.50 -26.42
CA ALA A 226 9.59 18.83 -27.59
C ALA A 226 9.73 17.85 -28.77
N LYS A 227 10.87 17.16 -28.87
CA LYS A 227 11.06 16.14 -29.91
C LYS A 227 10.00 15.06 -29.82
N PHE A 228 9.64 14.68 -28.59
CA PHE A 228 8.68 13.58 -28.37
C PHE A 228 7.26 13.94 -28.81
N ARG A 229 6.92 15.23 -28.71
CA ARG A 229 5.61 15.73 -29.12
C ARG A 229 5.43 15.79 -30.65
N SER A 230 6.53 15.68 -31.39
CA SER A 230 6.55 15.60 -32.85
C SER A 230 6.23 14.21 -33.37
N LEU A 231 6.32 13.21 -32.50
CA LEU A 231 5.84 11.88 -32.83
C LEU A 231 4.37 11.98 -33.20
N LEU A 232 3.95 11.15 -34.15
CA LEU A 232 2.56 11.08 -34.52
C LEU A 232 1.89 9.91 -33.82
N CYS A 233 0.63 10.10 -33.46
CA CYS A 233 -0.22 9.04 -32.94
C CYS A 233 -1.03 8.39 -34.07
N THR A 234 -0.80 8.83 -35.31
CA THR A 234 -1.54 8.33 -36.48
C THR A 234 -0.58 7.65 -37.47
N ALA A 235 -1.10 6.68 -38.22
CA ALA A 235 -0.25 5.90 -39.13
C ALA A 235 -0.05 6.62 -40.47
N GLU A 236 0.95 6.16 -41.22
CA GLU A 236 1.28 6.74 -42.52
C GLU A 236 0.07 6.65 -43.44
N GLY A 237 -0.26 7.75 -44.11
CA GLY A 237 -1.44 7.82 -44.98
C GLY A 237 -2.63 8.46 -44.31
N GLU A 238 -2.92 8.04 -43.08
CA GLU A 238 -4.05 8.58 -42.28
C GLU A 238 -3.86 10.05 -41.91
N ALA A 239 -4.90 10.67 -41.37
CA ALA A 239 -4.85 12.09 -41.00
C ALA A 239 -3.94 12.33 -39.77
N ALA A 240 -2.96 13.21 -39.94
CA ALA A 240 -1.88 13.42 -38.98
C ALA A 240 -2.34 14.11 -37.68
N ALA A 241 -2.06 13.47 -36.55
CA ALA A 241 -2.16 14.10 -35.24
C ALA A 241 -0.90 13.77 -34.45
N PHE A 242 -0.48 14.73 -33.64
CA PHE A 242 0.72 14.63 -32.83
C PHE A 242 0.42 14.04 -31.46
N LEU A 243 1.41 13.36 -30.90
CA LEU A 243 1.31 12.77 -29.60
C LEU A 243 1.82 13.83 -28.64
N VAL A 244 1.00 14.87 -28.45
CA VAL A 244 1.39 16.04 -27.68
C VAL A 244 1.37 15.74 -26.18
N SER A 245 0.63 14.71 -25.79
CA SER A 245 0.46 14.37 -24.38
C SER A 245 0.02 12.90 -24.27
N ASN A 246 0.59 12.19 -23.31
CA ASN A 246 0.27 10.79 -23.13
C ASN A 246 0.40 10.33 -21.69
N HIS A 247 -0.18 11.08 -20.76
CA HIS A 247 -0.16 10.68 -19.36
C HIS A 247 -1.59 10.50 -18.79
N ARG A 248 -1.76 9.53 -17.91
CA ARG A 248 -3.04 9.21 -17.27
C ARG A 248 -3.08 9.99 -15.99
N PRO A 249 -4.25 10.57 -15.64
CA PRO A 249 -4.32 11.27 -14.34
C PRO A 249 -4.19 10.31 -13.16
N PRO A 250 -3.80 10.85 -11.99
CA PRO A 250 -3.76 10.05 -10.77
C PRO A 250 -5.14 9.45 -10.42
N GLN A 251 -5.09 8.26 -9.84
CA GLN A 251 -6.25 7.44 -9.54
C GLN A 251 -6.38 7.30 -8.02
N PRO A 252 -7.58 6.91 -7.55
CA PRO A 252 -7.86 6.73 -6.12
C PRO A 252 -7.02 5.64 -5.46
N LEU A 253 -6.43 5.99 -4.32
CA LEU A 253 -5.68 5.05 -3.50
C LEU A 253 -6.51 3.90 -3.01
N LYS A 254 -7.76 4.13 -2.62
CA LYS A 254 -8.63 3.07 -2.12
C LYS A 254 -8.00 2.10 -1.11
N GLY A 255 -7.40 2.68 -0.08
CA GLY A 255 -6.83 1.91 1.03
C GLY A 255 -5.36 1.52 0.90
N ARG A 256 -4.81 1.68 -0.29
CA ARG A 256 -3.42 1.30 -0.53
C ARG A 256 -2.48 2.20 0.20
N LYS A 257 -1.33 1.65 0.56
CA LYS A 257 -0.30 2.48 1.20
C LYS A 257 0.96 2.54 0.36
N VAL A 258 1.58 3.71 0.37
CA VAL A 258 2.82 3.92 -0.33
C VAL A 258 3.90 3.82 0.69
N ARG A 259 4.91 3.01 0.38
CA ARG A 259 6.01 2.77 1.28
C ARG A 259 7.24 3.41 0.72
N ALA A 260 8.13 3.89 1.59
CA ALA A 260 9.35 4.54 1.15
C ALA A 260 10.52 3.72 1.66
N SER A 261 11.58 3.70 0.86
CA SER A 261 12.80 2.98 1.16
C SER A 261 13.68 3.80 2.07
N PHE A 262 13.49 5.12 2.02
CA PHE A 262 14.41 6.11 2.56
C PHE A 262 13.83 6.83 3.79
N SER B 6 15.23 -3.92 14.96
CA SER B 6 13.82 -3.96 14.44
C SER B 6 12.87 -4.75 15.37
N TRP B 7 11.87 -4.05 15.91
CA TRP B 7 10.98 -4.59 16.96
C TRP B 7 10.17 -5.81 16.58
N GLY B 8 9.86 -6.61 17.58
CA GLY B 8 8.98 -7.74 17.36
C GLY B 8 8.52 -8.30 18.68
N TYR B 9 8.26 -9.59 18.69
CA TYR B 9 7.78 -10.27 19.88
C TYR B 9 8.68 -11.43 20.25
N ARG B 10 9.92 -11.46 19.75
CA ARG B 10 10.83 -12.53 20.09
C ARG B 10 11.69 -12.08 21.28
N GLU B 11 12.57 -12.96 21.71
CA GLU B 11 13.43 -12.71 22.85
C GLU B 11 14.19 -11.40 22.71
N HIS B 12 14.84 -11.22 21.57
CA HIS B 12 15.79 -10.12 21.40
C HIS B 12 15.13 -8.78 21.04
N ASN B 13 13.92 -8.82 20.49
CA ASN B 13 13.31 -7.63 19.96
C ASN B 13 11.93 -7.32 20.54
N GLY B 14 11.56 -8.03 21.61
CA GLY B 14 10.22 -8.03 22.19
C GLY B 14 9.88 -6.85 23.09
N PRO B 15 8.63 -6.82 23.62
CA PRO B 15 8.10 -5.70 24.39
C PRO B 15 9.05 -5.08 25.42
N ILE B 16 9.77 -5.92 26.14
CA ILE B 16 10.66 -5.47 27.17
C ILE B 16 11.81 -4.62 26.58
N HIS B 17 12.08 -4.79 25.29
CA HIS B 17 13.11 -4.07 24.58
C HIS B 17 12.63 -2.84 23.80
N TRP B 18 11.33 -2.63 23.68
CA TRP B 18 10.84 -1.54 22.80
C TRP B 18 11.34 -0.15 23.20
N LYS B 19 11.46 0.09 24.51
CA LYS B 19 11.89 1.38 25.02
C LYS B 19 13.25 1.81 24.50
N GLU B 20 14.05 0.84 24.09
CA GLU B 20 15.42 1.09 23.69
C GLU B 20 15.41 1.92 22.41
N PHE B 21 14.33 1.78 21.63
CA PHE B 21 14.10 2.54 20.39
C PHE B 21 13.00 3.58 20.53
N PHE B 22 11.95 3.28 21.32
CA PHE B 22 10.81 4.14 21.47
C PHE B 22 10.66 4.54 22.92
N PRO B 23 11.29 5.64 23.32
CA PRO B 23 11.25 6.08 24.72
C PRO B 23 9.83 6.22 25.32
N ILE B 24 8.85 6.51 24.47
CA ILE B 24 7.46 6.63 24.90
C ILE B 24 6.92 5.33 25.50
N ALA B 25 7.60 4.20 25.25
CA ALA B 25 7.26 2.89 25.79
C ALA B 25 7.09 2.94 27.32
N ASP B 26 7.84 3.83 27.98
CA ASP B 26 7.73 4.07 29.42
C ASP B 26 6.95 5.32 29.78
N GLY B 27 6.05 5.73 28.89
CA GLY B 27 5.22 6.91 29.12
C GLY B 27 4.13 6.68 30.16
N ASP B 28 3.37 7.73 30.41
CA ASP B 28 2.35 7.73 31.46
C ASP B 28 0.98 7.29 31.01
N GLN B 29 0.80 7.07 29.71
CA GLN B 29 -0.49 6.59 29.22
C GLN B 29 -0.33 5.43 28.25
N GLN B 30 0.39 4.40 28.68
CA GLN B 30 0.62 3.26 27.82
C GLN B 30 -0.45 2.18 27.95
N SER B 31 -0.58 1.42 26.87
CA SER B 31 -1.56 0.38 26.73
C SER B 31 -0.88 -0.92 26.26
N PRO B 32 -1.47 -2.13 26.56
CA PRO B 32 -2.71 -2.44 27.25
C PRO B 32 -2.60 -2.08 28.74
N ILE B 33 -3.69 -1.99 29.47
CA ILE B 33 -3.83 -2.39 30.85
C ILE B 33 -4.64 -3.57 31.39
N GLU B 34 -4.44 -3.80 32.68
CA GLU B 34 -5.38 -4.63 33.43
C GLU B 34 -6.57 -3.76 33.88
N ILE B 35 -7.77 -4.21 33.53
CA ILE B 35 -9.00 -3.59 33.98
C ILE B 35 -9.43 -4.28 35.27
N LYS B 36 -9.40 -3.53 36.37
CA LYS B 36 -9.81 -4.03 37.67
C LYS B 36 -11.18 -3.45 37.97
N THR B 37 -12.20 -4.29 37.86
CA THR B 37 -13.60 -3.83 37.84
C THR B 37 -14.08 -3.25 39.18
N LYS B 38 -13.45 -3.68 40.26
CA LYS B 38 -13.68 -3.11 41.57
C LYS B 38 -13.28 -1.65 41.57
N GLU B 39 -12.41 -1.26 40.65
CA GLU B 39 -11.88 0.09 40.64
C GLU B 39 -12.43 0.94 39.50
N VAL B 40 -13.36 0.38 38.75
CA VAL B 40 -13.98 0.99 37.58
C VAL B 40 -15.22 1.75 38.04
N LYS B 41 -15.42 2.95 37.50
CA LYS B 41 -16.57 3.75 37.87
C LYS B 41 -17.52 3.83 36.71
N TYR B 42 -18.79 3.54 36.96
CA TYR B 42 -19.86 3.88 36.01
C TYR B 42 -19.93 5.39 35.83
N ASP B 43 -20.09 5.82 34.59
CA ASP B 43 -20.15 7.24 34.28
C ASP B 43 -21.38 7.50 33.39
N SER B 44 -22.37 8.11 33.99
CA SER B 44 -23.62 8.42 33.32
C SER B 44 -23.50 9.45 32.19
N SER B 45 -22.38 10.16 32.12
CA SER B 45 -22.16 11.16 31.05
C SER B 45 -21.67 10.50 29.76
N LEU B 46 -21.33 9.22 29.81
CA LEU B 46 -20.97 8.49 28.59
C LEU B 46 -22.23 8.22 27.76
N ARG B 47 -22.15 8.53 26.46
CA ARG B 47 -23.27 8.35 25.53
C ARG B 47 -23.26 6.96 24.91
N PRO B 48 -24.38 6.55 24.28
CA PRO B 48 -24.34 5.24 23.62
C PRO B 48 -23.40 5.25 22.42
N LEU B 49 -22.67 4.16 22.22
CA LEU B 49 -21.83 4.04 21.06
C LEU B 49 -22.70 4.04 19.81
N SER B 50 -22.27 4.74 18.77
CA SER B 50 -22.88 4.62 17.44
C SER B 50 -21.85 4.08 16.44
N ILE B 51 -22.17 2.96 15.80
CA ILE B 51 -21.21 2.23 14.94
C ILE B 51 -21.83 1.90 13.59
N LYS B 52 -21.28 2.50 12.55
CA LYS B 52 -21.80 2.33 11.19
C LYS B 52 -20.62 1.96 10.33
N TYR B 53 -20.52 0.68 9.97
CA TYR B 53 -19.46 0.19 9.11
C TYR B 53 -20.09 -0.32 7.81
N ASP B 54 -19.64 0.24 6.68
CA ASP B 54 -20.04 -0.20 5.36
C ASP B 54 -19.13 -1.38 4.93
N PRO B 55 -19.73 -2.56 4.61
CA PRO B 55 -18.93 -3.71 4.14
C PRO B 55 -18.00 -3.46 2.95
N SER B 56 -18.33 -2.43 2.15
CA SER B 56 -17.51 -1.98 1.01
C SER B 56 -16.26 -1.18 1.36
N SER B 57 -16.06 -0.85 2.64
CA SER B 57 -14.93 -0.05 3.05
C SER B 57 -13.65 -0.88 3.05
N ALA B 58 -13.78 -2.17 3.35
CA ALA B 58 -12.62 -3.08 3.34
C ALA B 58 -12.03 -3.31 1.93
N LYS B 59 -10.71 -3.33 1.87
CA LYS B 59 -9.99 -3.43 0.58
C LYS B 59 -8.89 -4.47 0.55
N ILE B 60 -8.14 -4.59 1.65
CA ILE B 60 -6.83 -5.24 1.64
C ILE B 60 -6.60 -5.97 2.97
N ILE B 61 -6.04 -7.17 2.89
CA ILE B 61 -5.58 -7.90 4.07
C ILE B 61 -4.10 -8.14 3.85
N SER B 62 -3.30 -8.00 4.90
CA SER B 62 -1.85 -8.16 4.78
C SER B 62 -1.16 -8.63 6.06
N ASN B 63 0.06 -9.11 5.87
CA ASN B 63 0.92 -9.56 6.95
C ASN B 63 2.06 -8.55 7.05
N SER B 64 2.09 -7.80 8.14
CA SER B 64 3.13 -6.80 8.35
C SER B 64 4.40 -7.44 8.92
N GLY B 65 4.33 -8.70 9.31
CA GLY B 65 5.37 -9.28 10.13
C GLY B 65 5.05 -9.20 11.62
N HIS B 66 4.15 -8.31 12.01
CA HIS B 66 3.71 -8.13 13.44
C HIS B 66 2.29 -8.46 13.73
N SER B 67 1.46 -8.53 12.71
CA SER B 67 0.01 -8.84 12.86
C SER B 67 -0.53 -8.93 11.48
N PHE B 68 -1.81 -9.25 11.40
CA PHE B 68 -2.52 -9.07 10.15
C PHE B 68 -3.21 -7.73 10.25
N ASN B 69 -3.39 -7.13 9.08
CA ASN B 69 -4.02 -5.83 8.90
C ASN B 69 -5.11 -5.98 7.86
N VAL B 70 -6.34 -5.63 8.21
CA VAL B 70 -7.35 -5.38 7.21
C VAL B 70 -7.33 -3.87 7.14
N ASP B 71 -6.95 -3.37 5.96
CA ASP B 71 -6.93 -1.96 5.68
C ASP B 71 -8.23 -1.60 4.99
N PHE B 72 -8.77 -0.46 5.41
CA PHE B 72 -10.04 0.05 4.88
C PHE B 72 -9.84 1.37 4.12
N ASP B 73 -10.70 1.64 3.13
CA ASP B 73 -10.67 2.91 2.40
C ASP B 73 -11.18 4.00 3.36
N ASP B 74 -10.30 4.89 3.82
CA ASP B 74 -10.65 5.94 4.77
C ASP B 74 -10.55 7.34 4.17
N THR B 75 -10.77 7.43 2.86
CA THR B 75 -10.78 8.71 2.18
C THR B 75 -12.15 9.37 2.23
N GLU B 76 -13.17 8.59 2.60
CA GLU B 76 -14.54 9.10 2.67
C GLU B 76 -15.14 8.71 4.04
N ASN B 77 -16.22 9.36 4.43
CA ASN B 77 -16.85 9.10 5.73
C ASN B 77 -18.01 8.11 5.60
N LYS B 78 -17.71 6.92 5.13
CA LYS B 78 -18.69 5.86 5.01
C LYS B 78 -18.78 5.05 6.31
N SER B 79 -17.63 4.67 6.86
CA SER B 79 -17.58 3.86 8.07
C SER B 79 -17.05 4.67 9.27
N VAL B 80 -17.89 4.88 10.27
CA VAL B 80 -17.56 5.80 11.38
C VAL B 80 -18.02 5.30 12.74
N LEU B 81 -17.24 5.66 13.75
CA LEU B 81 -17.56 5.41 15.13
C LEU B 81 -17.79 6.77 15.81
N ARG B 82 -18.93 6.90 16.48
CA ARG B 82 -19.30 8.07 17.26
C ARG B 82 -19.83 7.67 18.63
N GLY B 83 -19.97 8.63 19.52
CA GLY B 83 -20.72 8.40 20.75
C GLY B 83 -19.75 7.90 21.78
N GLY B 84 -20.24 7.18 22.79
CA GLY B 84 -19.37 6.71 23.85
C GLY B 84 -18.65 7.87 24.51
N PRO B 85 -17.34 7.73 24.76
CA PRO B 85 -16.58 8.83 25.35
C PRO B 85 -16.18 9.90 24.33
N LEU B 86 -16.56 9.73 23.06
CA LEU B 86 -15.92 10.46 21.97
C LEU B 86 -16.60 11.77 21.64
N THR B 87 -15.80 12.78 21.32
CA THR B 87 -16.35 13.98 20.74
C THR B 87 -16.04 14.00 19.29
N GLY B 88 -17.10 14.04 18.48
CA GLY B 88 -17.01 14.05 17.04
C GLY B 88 -17.02 12.64 16.47
N SER B 89 -16.59 12.55 15.22
CA SER B 89 -16.75 11.38 14.39
C SER B 89 -15.36 10.83 14.08
N TYR B 90 -15.21 9.51 14.25
CA TYR B 90 -13.95 8.81 14.07
C TYR B 90 -14.05 7.77 12.93
N ARG B 91 -13.20 7.92 11.91
CA ARG B 91 -13.31 7.17 10.67
C ARG B 91 -12.56 5.85 10.75
N LEU B 92 -13.17 4.78 10.23
CA LEU B 92 -12.57 3.46 10.26
C LEU B 92 -11.37 3.41 9.31
N ARG B 93 -10.27 2.83 9.81
CA ARG B 93 -8.98 2.79 9.14
C ARG B 93 -8.40 1.37 9.02
N GLN B 94 -8.34 0.64 10.13
CA GLN B 94 -7.61 -0.64 10.19
C GLN B 94 -8.14 -1.56 11.26
N VAL B 95 -8.02 -2.85 11.01
CA VAL B 95 -8.26 -3.92 11.97
C VAL B 95 -6.98 -4.78 12.11
N HIS B 96 -6.70 -5.15 13.35
CA HIS B 96 -5.66 -6.10 13.71
C HIS B 96 -6.20 -7.11 14.71
N LEU B 97 -5.44 -8.19 14.91
CA LEU B 97 -5.76 -9.18 15.91
C LEU B 97 -4.48 -9.47 16.66
N HIS B 98 -4.62 -9.71 17.96
CA HIS B 98 -3.52 -10.09 18.82
C HIS B 98 -3.86 -11.42 19.46
N TRP B 99 -2.86 -12.29 19.63
CA TRP B 99 -3.05 -13.64 20.17
C TRP B 99 -1.76 -14.02 20.92
N GLY B 100 -1.75 -15.15 21.59
CA GLY B 100 -0.54 -15.72 22.22
C GLY B 100 -0.27 -17.13 21.73
N SER B 101 0.77 -17.79 22.26
CA SER B 101 1.12 -19.21 21.93
C SER B 101 0.03 -20.19 22.34
N ALA B 102 -0.62 -19.85 23.45
CA ALA B 102 -1.62 -20.70 24.11
C ALA B 102 -3.00 -20.05 23.98
N ASP B 103 -4.01 -20.88 23.73
CA ASP B 103 -5.43 -20.43 23.66
C ASP B 103 -5.93 -19.70 24.92
N ASP B 104 -5.29 -19.94 26.07
CA ASP B 104 -5.72 -19.36 27.33
C ASP B 104 -5.11 -18.01 27.69
N HIS B 105 -4.18 -17.48 26.89
CA HIS B 105 -3.42 -16.29 27.28
C HIS B 105 -2.94 -15.46 26.10
N GLY B 106 -3.87 -14.82 25.40
CA GLY B 106 -3.58 -14.11 24.17
C GLY B 106 -4.01 -12.67 24.05
N SER B 107 -4.91 -12.20 24.92
CA SER B 107 -5.40 -10.82 24.83
C SER B 107 -4.33 -9.84 25.30
N GLU B 108 -4.51 -8.58 24.93
CA GLU B 108 -3.64 -7.52 25.39
C GLU B 108 -4.16 -6.97 26.72
N HIS B 109 -5.39 -6.46 26.70
CA HIS B 109 -6.10 -6.18 27.92
C HIS B 109 -6.43 -7.45 28.70
N ILE B 110 -6.47 -7.27 30.02
CA ILE B 110 -6.73 -8.32 31.00
C ILE B 110 -7.88 -7.79 31.85
N VAL B 111 -8.83 -8.64 32.25
CA VAL B 111 -9.95 -8.19 33.11
C VAL B 111 -9.93 -9.03 34.38
N ASP B 112 -9.65 -8.41 35.52
CA ASP B 112 -9.62 -9.10 36.79
C ASP B 112 -8.75 -10.36 36.75
N GLY B 113 -7.54 -10.21 36.21
CA GLY B 113 -6.56 -11.29 36.19
C GLY B 113 -6.80 -12.25 35.03
N VAL B 114 -7.86 -12.02 34.27
CA VAL B 114 -8.28 -12.99 33.29
C VAL B 114 -7.88 -12.49 31.91
N SER B 115 -7.16 -13.35 31.20
N SER B 115 -7.17 -13.34 31.17
CA SER B 115 -6.80 -13.14 29.81
CA SER B 115 -6.79 -13.06 29.80
C SER B 115 -7.87 -13.82 28.98
C SER B 115 -7.69 -13.88 28.90
N TYR B 116 -8.08 -13.32 27.77
CA TYR B 116 -8.91 -14.02 26.77
C TYR B 116 -8.00 -14.66 25.71
N ALA B 117 -8.58 -15.38 24.75
CA ALA B 117 -7.76 -16.10 23.78
C ALA B 117 -7.05 -15.16 22.81
N ALA B 118 -7.70 -14.02 22.54
CA ALA B 118 -7.22 -13.11 21.54
C ALA B 118 -8.02 -11.79 21.68
N GLU B 119 -7.58 -10.79 20.94
CA GLU B 119 -8.16 -9.45 21.02
C GLU B 119 -8.09 -8.79 19.65
N LEU B 120 -9.26 -8.35 19.19
CA LEU B 120 -9.36 -7.63 17.95
C LEU B 120 -9.30 -6.16 18.27
N HIS B 121 -8.52 -5.41 17.49
CA HIS B 121 -8.53 -3.95 17.56
C HIS B 121 -9.08 -3.32 16.27
N VAL B 122 -9.99 -2.37 16.44
CA VAL B 122 -10.51 -1.57 15.31
C VAL B 122 -10.10 -0.12 15.52
N VAL B 123 -9.19 0.31 14.64
CA VAL B 123 -8.52 1.57 14.66
C VAL B 123 -9.30 2.59 13.79
N HIS B 124 -9.59 3.75 14.41
CA HIS B 124 -10.31 4.89 13.80
C HIS B 124 -9.54 6.18 14.13
N TRP B 125 -9.75 7.20 13.31
CA TRP B 125 -9.11 8.49 13.52
C TRP B 125 -10.06 9.65 13.43
N ASN B 126 -9.77 10.71 14.20
CA ASN B 126 -10.66 11.88 14.30
C ASN B 126 -10.66 12.73 13.02
N SER B 127 -11.59 12.45 12.13
CA SER B 127 -11.61 13.12 10.82
C SER B 127 -12.38 14.44 10.88
N ASP B 128 -13.07 14.71 11.98
CA ASP B 128 -13.70 16.03 12.16
C ASP B 128 -12.61 17.10 12.40
N LYS B 129 -11.65 16.77 13.25
CA LYS B 129 -10.59 17.68 13.64
C LYS B 129 -9.35 17.70 12.79
N TYR B 130 -8.94 16.56 12.23
CA TYR B 130 -7.64 16.41 11.56
C TYR B 130 -7.87 16.00 10.10
N PRO B 131 -6.94 16.37 9.21
CA PRO B 131 -7.05 16.08 7.80
C PRO B 131 -6.64 14.66 7.42
N SER B 132 -5.92 13.97 8.30
CA SER B 132 -5.33 12.69 7.99
C SER B 132 -5.10 11.93 9.29
N PHE B 133 -4.94 10.62 9.13
CA PHE B 133 -4.58 9.70 10.19
C PHE B 133 -3.23 10.08 10.83
N VAL B 134 -2.25 10.50 10.03
CA VAL B 134 -0.88 10.68 10.57
C VAL B 134 -0.83 11.91 11.48
N GLU B 135 -1.52 12.97 11.08
CA GLU B 135 -1.80 14.07 11.98
C GLU B 135 -2.61 13.67 13.26
N ALA B 136 -3.72 12.95 13.10
CA ALA B 136 -4.51 12.51 14.25
C ALA B 136 -3.71 11.64 15.19
N ALA B 137 -2.83 10.79 14.64
CA ALA B 137 -2.06 9.84 15.45
C ALA B 137 -1.15 10.48 16.48
N HIS B 138 -0.78 11.74 16.26
CA HIS B 138 0.06 12.45 17.24
C HIS B 138 -0.71 13.39 18.17
N GLU B 139 -2.04 13.29 18.24
CA GLU B 139 -2.84 14.17 19.12
C GLU B 139 -3.64 13.35 20.15
N PRO B 140 -3.85 13.89 21.39
CA PRO B 140 -4.52 13.02 22.41
C PRO B 140 -5.95 12.60 22.09
N ASP B 141 -6.65 13.44 21.34
CA ASP B 141 -8.01 13.15 20.87
C ASP B 141 -8.02 12.62 19.43
N GLY B 142 -6.85 12.21 18.93
CA GLY B 142 -6.71 11.79 17.54
C GLY B 142 -7.31 10.44 17.13
N LEU B 143 -7.14 9.42 17.97
CA LEU B 143 -7.56 8.07 17.64
C LEU B 143 -8.52 7.45 18.67
N ALA B 144 -9.29 6.51 18.17
CA ALA B 144 -10.15 5.66 18.96
C ALA B 144 -9.97 4.21 18.54
N VAL B 145 -9.73 3.35 19.53
CA VAL B 145 -9.60 1.94 19.25
C VAL B 145 -10.66 1.16 19.99
N LEU B 146 -11.43 0.42 19.20
CA LEU B 146 -12.41 -0.50 19.72
C LEU B 146 -11.66 -1.84 19.92
N GLY B 147 -11.68 -2.35 21.15
CA GLY B 147 -11.15 -3.67 21.47
C GLY B 147 -12.27 -4.65 21.73
N VAL B 148 -12.15 -5.83 21.10
CA VAL B 148 -13.11 -6.92 21.24
C VAL B 148 -12.35 -8.19 21.63
N PHE B 149 -12.78 -8.82 22.72
CA PHE B 149 -12.13 -10.01 23.16
C PHE B 149 -12.67 -11.19 22.37
N LEU B 150 -11.83 -12.19 22.16
CA LEU B 150 -12.20 -13.45 21.55
C LEU B 150 -11.98 -14.57 22.56
N GLN B 151 -12.94 -15.45 22.67
CA GLN B 151 -12.82 -16.62 23.54
C GLN B 151 -12.99 -17.87 22.70
N ILE B 152 -12.43 -18.98 23.16
CA ILE B 152 -12.59 -20.25 22.45
C ILE B 152 -14.05 -20.74 22.55
N GLY B 153 -14.61 -21.14 21.40
CA GLY B 153 -15.98 -21.58 21.30
C GLY B 153 -16.19 -22.22 19.96
N GLU B 154 -17.42 -22.21 19.49
CA GLU B 154 -17.75 -22.84 18.24
C GLU B 154 -17.15 -21.99 17.14
N PRO B 155 -16.91 -22.59 15.97
CA PRO B 155 -16.31 -21.84 14.89
C PRO B 155 -17.17 -20.61 14.58
N ASN B 156 -16.52 -19.48 14.34
CA ASN B 156 -17.22 -18.24 14.01
C ASN B 156 -17.27 -18.07 12.49
N SER B 157 -18.49 -18.00 11.95
CA SER B 157 -18.66 -17.91 10.49
C SER B 157 -18.06 -16.66 9.88
N GLN B 158 -18.20 -15.51 10.54
CA GLN B 158 -17.64 -14.26 10.03
C GLN B 158 -16.12 -14.27 9.97
N LEU B 159 -15.50 -14.92 10.94
CA LEU B 159 -14.04 -15.06 10.95
C LEU B 159 -13.47 -16.00 9.87
N GLN B 160 -14.27 -16.86 9.23
CA GLN B 160 -13.74 -17.73 8.18
C GLN B 160 -13.23 -16.99 6.93
N LYS B 161 -13.82 -15.85 6.62
CA LYS B 161 -13.43 -15.04 5.48
C LYS B 161 -12.01 -14.54 5.65
N ILE B 162 -11.66 -14.14 6.87
CA ILE B 162 -10.28 -13.74 7.14
C ILE B 162 -9.36 -14.95 7.10
N THR B 163 -9.78 -16.00 7.78
CA THR B 163 -8.91 -17.13 8.05
C THR B 163 -8.59 -17.89 6.75
N ASP B 164 -9.56 -17.93 5.84
CA ASP B 164 -9.38 -18.50 4.51
C ASP B 164 -8.36 -17.75 3.64
N THR B 165 -8.08 -16.50 3.96
CA THR B 165 -7.06 -15.74 3.22
C THR B 165 -5.62 -15.92 3.79
N LEU B 166 -5.48 -16.56 4.93
CA LEU B 166 -4.22 -16.51 5.67
C LEU B 166 -3.01 -17.15 4.95
N ASP B 167 -3.22 -18.23 4.20
CA ASP B 167 -2.11 -18.86 3.45
C ASP B 167 -1.54 -17.93 2.38
N SER B 168 -2.44 -17.16 1.77
CA SER B 168 -2.07 -16.18 0.77
C SER B 168 -1.16 -15.08 1.29
N ILE B 169 -1.18 -14.83 2.59
CA ILE B 169 -0.33 -13.78 3.15
C ILE B 169 0.64 -14.33 4.21
N LYS B 170 0.98 -15.61 4.09
CA LYS B 170 1.91 -16.26 5.02
C LYS B 170 3.21 -15.48 5.22
N GLU B 171 3.79 -14.98 4.14
CA GLU B 171 5.11 -14.33 4.20
C GLU B 171 4.96 -12.86 4.49
N LYS B 172 5.93 -12.30 5.21
CA LYS B 172 5.87 -10.90 5.62
C LYS B 172 5.80 -9.98 4.41
N GLY B 173 5.02 -8.91 4.52
CA GLY B 173 4.84 -7.96 3.45
C GLY B 173 3.86 -8.42 2.39
N LYS B 174 3.33 -9.64 2.49
CA LYS B 174 2.34 -10.10 1.50
C LYS B 174 1.03 -9.41 1.80
N GLN B 175 0.26 -9.11 0.75
CA GLN B 175 -1.11 -8.63 0.90
C GLN B 175 -2.01 -9.30 -0.14
N THR B 176 -3.31 -9.42 0.14
CA THR B 176 -4.32 -9.80 -0.87
C THR B 176 -5.53 -8.88 -0.80
N ARG B 177 -6.32 -8.87 -1.86
CA ARG B 177 -7.57 -8.11 -1.85
C ARG B 177 -8.51 -8.71 -0.82
N PHE B 178 -9.30 -7.83 -0.21
CA PHE B 178 -10.21 -8.20 0.85
C PHE B 178 -11.37 -7.20 0.90
N THR B 179 -12.52 -7.59 0.34
CA THR B 179 -13.70 -6.72 0.19
C THR B 179 -15.01 -7.39 0.66
N ASN B 180 -16.03 -6.54 0.81
N ASN B 180 -16.12 -6.64 0.73
CA ASN B 180 -17.34 -6.89 1.32
CA ASN B 180 -17.40 -7.12 1.33
C ASN B 180 -17.24 -7.67 2.63
C ASN B 180 -17.19 -7.76 2.69
N PHE B 181 -16.55 -7.04 3.59
CA PHE B 181 -16.28 -7.57 4.94
C PHE B 181 -17.18 -6.77 5.87
N ASP B 182 -18.22 -7.45 6.35
CA ASP B 182 -19.22 -6.84 7.21
C ASP B 182 -18.67 -6.86 8.63
N LEU B 183 -17.86 -5.88 8.96
CA LEU B 183 -17.23 -5.82 10.28
C LEU B 183 -18.25 -5.65 11.42
N LEU B 184 -19.34 -4.93 11.14
CA LEU B 184 -20.37 -4.70 12.14
C LEU B 184 -20.97 -6.02 12.68
N SER B 185 -21.15 -7.00 11.80
CA SER B 185 -21.71 -8.29 12.17
C SER B 185 -20.75 -9.21 12.93
N LEU B 186 -19.48 -8.84 12.96
CA LEU B 186 -18.50 -9.51 13.82
C LEU B 186 -18.64 -9.09 15.31
N LEU B 187 -19.18 -7.90 15.58
CA LEU B 187 -19.20 -7.36 16.95
C LEU B 187 -20.16 -8.17 17.83
N PRO B 188 -19.93 -8.19 19.14
CA PRO B 188 -20.86 -8.90 20.03
C PRO B 188 -22.24 -8.21 20.05
N PRO B 189 -23.26 -8.89 20.58
CA PRO B 189 -24.60 -8.30 20.67
C PRO B 189 -24.70 -7.14 21.64
N SER B 190 -23.94 -7.18 22.74
CA SER B 190 -23.91 -6.07 23.68
C SER B 190 -22.68 -5.24 23.43
N TRP B 191 -22.87 -3.93 23.29
CA TRP B 191 -21.78 -2.98 23.11
C TRP B 191 -21.39 -2.25 24.40
N ASP B 192 -21.77 -2.79 25.57
CA ASP B 192 -21.26 -2.27 26.87
C ASP B 192 -19.73 -2.30 26.90
N TYR B 193 -19.12 -1.27 27.47
CA TYR B 193 -17.70 -1.12 27.35
C TYR B 193 -17.06 -0.43 28.54
N TRP B 194 -15.73 -0.57 28.58
CA TRP B 194 -14.86 0.21 29.44
C TRP B 194 -14.07 1.18 28.54
N THR B 195 -13.73 2.33 29.08
CA THR B 195 -12.96 3.33 28.35
C THR B 195 -11.89 3.99 29.24
N TYR B 196 -10.77 4.31 28.61
CA TYR B 196 -9.65 4.95 29.25
C TYR B 196 -8.70 5.53 28.17
N PRO B 197 -7.89 6.53 28.55
CA PRO B 197 -6.90 7.15 27.68
C PRO B 197 -5.59 6.35 27.67
N GLY B 198 -5.17 5.97 26.48
CA GLY B 198 -3.99 5.14 26.35
C GLY B 198 -3.24 5.38 25.05
N SER B 199 -2.62 4.30 24.57
CA SER B 199 -1.69 4.35 23.47
C SER B 199 -1.99 3.28 22.45
N LEU B 200 -1.36 3.42 21.29
CA LEU B 200 -1.11 2.25 20.45
C LEU B 200 -0.35 1.19 21.23
N THR B 201 -0.62 -0.08 20.94
CA THR B 201 0.01 -1.17 21.69
C THR B 201 1.24 -1.73 20.93
N VAL B 202 1.52 -1.18 19.76
CA VAL B 202 2.69 -1.51 18.99
C VAL B 202 3.46 -0.23 18.71
N PRO B 203 4.79 -0.32 18.55
CA PRO B 203 5.52 0.84 18.04
C PRO B 203 4.77 1.47 16.88
N PRO B 204 4.64 2.80 16.88
CA PRO B 204 5.40 3.70 17.73
C PRO B 204 4.68 4.23 18.97
N LEU B 205 3.60 3.62 19.47
CA LEU B 205 3.28 3.43 20.91
C LEU B 205 2.67 4.83 21.33
N LEU B 206 2.14 5.54 20.35
CA LEU B 206 1.73 6.93 20.53
C LEU B 206 0.52 7.05 21.44
N GLU B 207 0.57 8.04 22.31
CA GLU B 207 -0.46 8.26 23.34
C GLU B 207 -1.55 9.18 22.81
N SER B 208 -2.28 8.62 21.84
CA SER B 208 -3.32 9.31 21.10
C SER B 208 -4.64 8.52 21.04
N VAL B 209 -4.78 7.50 21.89
CA VAL B 209 -5.87 6.56 21.82
C VAL B 209 -6.86 6.69 22.96
N THR B 210 -8.12 6.91 22.58
CA THR B 210 -9.25 6.66 23.48
C THR B 210 -9.65 5.21 23.28
N TRP B 211 -9.44 4.40 24.30
CA TRP B 211 -9.72 2.96 24.25
C TRP B 211 -11.19 2.77 24.60
N ILE B 212 -11.84 1.93 23.82
CA ILE B 212 -13.19 1.44 24.03
C ILE B 212 -13.12 -0.10 23.97
N VAL B 213 -13.13 -0.74 25.14
CA VAL B 213 -12.99 -2.22 25.23
C VAL B 213 -14.36 -2.78 25.56
N LEU B 214 -14.91 -3.57 24.65
CA LEU B 214 -16.21 -4.20 24.87
C LEU B 214 -16.07 -5.30 25.91
N LYS B 215 -17.07 -5.38 26.79
CA LYS B 215 -17.14 -6.38 27.86
C LYS B 215 -17.37 -7.79 27.33
N GLN B 216 -18.23 -7.91 26.33
CA GLN B 216 -18.65 -9.20 25.83
C GLN B 216 -17.70 -9.74 24.74
N PRO B 217 -17.12 -10.94 24.96
CA PRO B 217 -16.27 -11.50 23.94
C PRO B 217 -17.11 -12.06 22.79
N ILE B 218 -16.45 -12.25 21.65
CA ILE B 218 -16.96 -13.09 20.58
C ILE B 218 -16.21 -14.42 20.56
N ASN B 219 -16.73 -15.38 19.81
CA ASN B 219 -16.18 -16.74 19.80
C ASN B 219 -15.27 -16.97 18.61
N ILE B 220 -14.30 -17.86 18.81
CA ILE B 220 -13.41 -18.33 17.73
C ILE B 220 -13.06 -19.78 18.08
N SER B 221 -12.92 -20.65 17.08
CA SER B 221 -12.53 -22.02 17.36
C SER B 221 -11.02 -22.05 17.58
N SER B 222 -10.57 -23.04 18.34
CA SER B 222 -9.15 -23.27 18.50
C SER B 222 -8.45 -23.43 17.15
N GLN B 223 -9.10 -24.12 16.23
CA GLN B 223 -8.55 -24.37 14.89
C GLN B 223 -8.39 -23.09 14.09
N GLN B 224 -9.42 -22.24 14.16
CA GLN B 224 -9.40 -20.93 13.51
C GLN B 224 -8.28 -20.06 14.08
N LEU B 225 -8.22 -19.97 15.41
CA LEU B 225 -7.18 -19.20 16.06
C LEU B 225 -5.77 -19.64 15.64
N ALA B 226 -5.53 -20.95 15.54
CA ALA B 226 -4.19 -21.45 15.23
C ALA B 226 -3.71 -21.03 13.83
N LYS B 227 -4.64 -20.79 12.91
CA LYS B 227 -4.32 -20.34 11.55
C LYS B 227 -3.51 -19.02 11.59
N PHE B 228 -3.80 -18.16 12.57
CA PHE B 228 -3.07 -16.87 12.71
C PHE B 228 -1.60 -17.03 13.07
N ARG B 229 -1.29 -18.10 13.76
CA ARG B 229 0.10 -18.39 14.16
C ARG B 229 0.96 -18.89 13.01
N SER B 230 0.34 -19.31 11.91
CA SER B 230 1.09 -19.69 10.71
C SER B 230 1.68 -18.53 9.86
N LEU B 231 1.28 -17.31 10.13
CA LEU B 231 1.95 -16.14 9.55
C LEU B 231 3.41 -16.08 10.06
N LEU B 232 4.29 -15.67 9.14
CA LEU B 232 5.71 -15.50 9.41
C LEU B 232 5.98 -14.06 9.80
N CYS B 233 6.96 -13.85 10.67
CA CYS B 233 7.36 -12.49 11.02
C CYS B 233 8.60 -12.03 10.21
N THR B 234 9.00 -12.87 9.27
CA THR B 234 10.16 -12.64 8.43
C THR B 234 9.75 -12.58 6.98
N ALA B 235 10.59 -11.97 6.14
CA ALA B 235 10.44 -12.08 4.68
C ALA B 235 11.10 -13.39 4.23
N GLU B 236 10.67 -13.87 3.07
CA GLU B 236 10.92 -15.26 2.63
C GLU B 236 12.37 -15.62 2.25
N GLY B 237 13.20 -14.61 2.03
CA GLY B 237 14.64 -14.82 1.84
C GLY B 237 15.35 -14.88 3.17
N GLU B 238 14.82 -14.11 4.12
CA GLU B 238 15.26 -14.14 5.52
C GLU B 238 14.97 -15.50 6.13
N ALA B 239 15.82 -15.94 7.05
CA ALA B 239 15.58 -17.19 7.78
C ALA B 239 14.21 -17.10 8.47
N ALA B 240 13.45 -18.19 8.41
CA ALA B 240 12.02 -18.18 8.71
C ALA B 240 11.69 -18.24 10.21
N ALA B 241 10.70 -17.44 10.59
CA ALA B 241 10.19 -17.48 11.96
C ALA B 241 8.67 -17.17 11.95
N PHE B 242 7.90 -17.85 12.80
CA PHE B 242 6.43 -17.65 12.87
C PHE B 242 6.03 -16.64 13.93
N LEU B 243 4.94 -15.91 13.68
CA LEU B 243 4.34 -15.02 14.67
C LEU B 243 3.41 -15.84 15.59
N VAL B 244 3.99 -16.65 16.47
CA VAL B 244 3.16 -17.46 17.39
C VAL B 244 2.47 -16.64 18.49
N SER B 245 2.99 -15.43 18.73
CA SER B 245 2.50 -14.57 19.81
C SER B 245 2.78 -13.11 19.45
N ASN B 246 1.76 -12.27 19.60
CA ASN B 246 1.90 -10.86 19.30
C ASN B 246 1.13 -9.96 20.27
N HIS B 247 1.14 -10.24 21.57
CA HIS B 247 0.46 -9.36 22.57
C HIS B 247 1.48 -8.71 23.50
N ARG B 248 1.26 -7.43 23.82
CA ARG B 248 2.13 -6.69 24.70
C ARG B 248 1.57 -6.90 26.11
N PRO B 249 2.47 -7.07 27.11
CA PRO B 249 1.98 -7.14 28.49
C PRO B 249 1.29 -5.84 28.98
N PRO B 250 0.48 -5.97 30.05
CA PRO B 250 -0.20 -4.80 30.58
C PRO B 250 0.83 -3.80 31.13
N GLN B 251 0.50 -2.54 31.01
CA GLN B 251 1.36 -1.44 31.36
C GLN B 251 0.81 -0.72 32.58
N PRO B 252 1.66 0.06 33.26
CA PRO B 252 1.26 0.74 34.50
C PRO B 252 0.16 1.74 34.29
N LEU B 253 -0.86 1.67 35.14
CA LEU B 253 -2.05 2.53 35.01
C LEU B 253 -1.73 3.98 35.31
N LYS B 254 -0.80 4.19 36.25
CA LYS B 254 -0.31 5.53 36.58
C LYS B 254 -1.45 6.50 36.79
N GLY B 255 -2.42 6.06 37.58
CA GLY B 255 -3.50 6.91 38.08
C GLY B 255 -4.58 7.30 37.10
N ARG B 256 -4.56 6.69 35.93
CA ARG B 256 -5.62 6.87 34.97
C ARG B 256 -6.90 6.20 35.45
N LYS B 257 -8.04 6.72 35.02
CA LYS B 257 -9.33 6.20 35.43
C LYS B 257 -9.96 5.38 34.31
N VAL B 258 -10.39 4.16 34.63
CA VAL B 258 -11.15 3.34 33.70
C VAL B 258 -12.63 3.54 34.06
N ARG B 259 -13.41 4.00 33.08
CA ARG B 259 -14.85 4.25 33.23
C ARG B 259 -15.66 3.16 32.52
N ALA B 260 -16.85 2.86 33.04
CA ALA B 260 -17.74 1.87 32.41
C ALA B 260 -19.00 2.56 31.90
N SER B 261 -19.44 2.14 30.73
CA SER B 261 -20.69 2.59 30.15
C SER B 261 -21.90 1.95 30.84
N PHE B 262 -21.64 1.05 31.79
CA PHE B 262 -22.66 0.18 32.34
C PHE B 262 -22.50 -0.02 33.85
ZN ZN C . 4.39 3.70 -18.99
C1S 4MD D . 0.03 -6.25 -21.28
C1V 4MD D . -0.30 -7.60 -21.38
C1Q 4MD D . -0.71 -8.12 -22.61
CL1R 4MD D . -1.12 -9.80 -22.71
C1U 4MD D . -0.81 -7.32 -23.72
C1T 4MD D . -0.49 -5.97 -23.63
C1P 4MD D . -0.08 -5.44 -22.41
C1J 4MD D . 0.32 -3.96 -22.31
N1C 4MD D . 1.78 -4.01 -22.15
C1W 4MD D . 2.08 -4.13 -20.70
S1A 4MD D . 2.53 -2.71 -22.81
O1F 4MD D . 1.61 -2.07 -23.81
O1G 4MD D . 3.80 -3.11 -23.49
C1D 4MD D . 2.81 -1.66 -21.49
C1M 4MD D . 2.27 -0.39 -21.56
C1N 4MD D . 2.44 0.48 -20.50
C1L 4MD D . 3.51 -2.08 -20.37
C1O 4MD D . 3.69 -1.20 -19.30
C1E 4MD D . 3.13 0.07 -19.36
S1B 4MD D . 3.31 1.25 -18.10
O1H 4MD D . 4.51 0.93 -17.26
O1I 4MD D . 2.19 1.35 -17.10
N1K 4MD D . 3.45 2.63 -18.95
ZN ZN E . -3.54 -3.40 17.50
CL CL F . -14.74 13.16 3.17
CL CL G . -19.30 -0.76 36.52
C1S 4MD H . 0.51 5.72 13.69
C1V 4MD H . 1.07 6.89 13.21
C1Q 4MD H . 2.25 6.84 12.48
CL1R 4MD H . 2.91 8.32 11.90
C1U 4MD H . 2.87 5.63 12.24
C1T 4MD H . 2.32 4.45 12.74
C1P 4MD H . 1.12 4.49 13.45
C1J 4MD H . 0.44 3.24 14.03
N1C 4MD H . 0.48 2.03 13.18
C1W 4MD H . 0.87 2.31 11.77
S1A 4MD H . -1.01 1.34 13.12
O1F 4MD H . -0.93 0.18 12.17
O1G 4MD H . -2.01 2.35 12.64
C1D 4MD H . -1.58 0.70 14.62
C1M 4MD H . -2.95 0.71 14.84
C1N 4MD H . -3.47 0.19 16.02
C1L 4MD H . -0.74 0.15 15.58
C1O 4MD H . -1.27 -0.37 16.76
C1E 4MD H . -2.64 -0.32 17.00
S1B 4MD H . -3.35 -1.01 18.42
O1H 4MD H . -4.85 -0.97 18.18
O1I 4MD H . -3.18 -0.50 19.80
N1K 4MD H . -2.68 -2.51 18.38
#